data_6GIG
#
_entry.id   6GIG
#
_entity_poly.entity_id   1
_entity_poly.type   'polypeptide(L)'
_entity_poly.pdbx_seq_one_letter_code
;MATKHGKNSWKTLYLKISFLGCKVVVLLKR
;
_entity_poly.pdbx_strand_id   A
#
# COMPACT_ATOMS: atom_id res chain seq x y z
N MET A 1 -11.88 3.25 -5.18
CA MET A 1 -12.37 2.01 -5.82
C MET A 1 -11.48 0.82 -5.48
N ALA A 2 -10.73 0.93 -4.38
CA ALA A 2 -9.80 -0.12 -4.00
C ALA A 2 -10.45 -1.10 -3.04
N THR A 3 -11.58 -0.70 -2.49
CA THR A 3 -12.29 -1.52 -1.51
C THR A 3 -13.06 -2.64 -2.18
N LYS A 4 -12.36 -3.71 -2.52
CA LYS A 4 -12.97 -4.90 -3.08
C LYS A 4 -12.54 -6.14 -2.30
N HIS A 5 -12.19 -5.91 -1.04
CA HIS A 5 -11.65 -6.96 -0.18
C HIS A 5 -10.33 -7.48 -0.76
N GLY A 6 -9.45 -6.54 -1.08
CA GLY A 6 -8.14 -6.88 -1.62
C GLY A 6 -8.23 -7.69 -2.89
N LYS A 7 -9.13 -7.30 -3.79
CA LYS A 7 -9.33 -8.03 -5.02
C LYS A 7 -8.97 -7.16 -6.23
N ASN A 8 -7.81 -7.45 -6.84
CA ASN A 8 -7.35 -6.80 -8.06
C ASN A 8 -6.96 -5.33 -7.85
N SER A 9 -7.95 -4.49 -7.53
CA SER A 9 -7.75 -3.05 -7.44
C SER A 9 -6.86 -2.64 -6.28
N TRP A 10 -6.43 -3.60 -5.50
CA TRP A 10 -5.58 -3.30 -4.37
C TRP A 10 -4.18 -2.88 -4.82
N LYS A 11 -3.70 -3.40 -5.94
CA LYS A 11 -2.34 -3.09 -6.36
C LYS A 11 -2.17 -1.59 -6.56
N THR A 12 -3.23 -0.99 -7.02
CA THR A 12 -3.34 0.45 -7.17
C THR A 12 -3.22 1.14 -5.80
N LEU A 13 -3.72 0.45 -4.78
CA LEU A 13 -3.60 0.87 -3.39
C LEU A 13 -2.22 0.51 -2.83
N TYR A 14 -1.68 -0.56 -3.38
CA TYR A 14 -0.54 -1.23 -2.81
C TYR A 14 0.76 -0.46 -3.01
N LEU A 15 0.95 0.07 -4.19
CA LEU A 15 2.17 0.79 -4.49
C LEU A 15 2.12 2.14 -3.80
N LYS A 16 0.92 2.49 -3.37
CA LYS A 16 0.69 3.63 -2.52
C LYS A 16 1.11 3.25 -1.09
N ILE A 17 0.78 2.01 -0.73
CA ILE A 17 1.14 1.43 0.54
C ILE A 17 2.66 1.32 0.68
N SER A 18 3.31 0.91 -0.41
CA SER A 18 4.75 0.81 -0.45
C SER A 18 5.38 2.20 -0.33
N PHE A 19 4.71 3.19 -0.91
CA PHE A 19 5.22 4.55 -0.92
C PHE A 19 5.08 5.20 0.45
N LEU A 20 3.84 5.29 0.93
CA LEU A 20 3.57 5.95 2.19
C LEU A 20 4.13 5.16 3.37
N GLY A 21 4.30 3.85 3.18
CA GLY A 21 4.96 3.06 4.22
C GLY A 21 6.37 3.54 4.44
N CYS A 22 7.03 3.90 3.34
CA CYS A 22 8.36 4.46 3.38
C CYS A 22 8.34 5.90 3.88
N LYS A 23 7.24 6.60 3.63
CA LYS A 23 7.13 7.99 4.07
C LYS A 23 6.71 8.07 5.53
N VAL A 24 6.02 7.07 6.00
CA VAL A 24 5.65 6.99 7.39
C VAL A 24 6.75 6.27 8.19
N VAL A 25 7.89 6.12 7.54
CA VAL A 25 9.12 5.83 8.25
C VAL A 25 9.77 7.17 8.57
N VAL A 26 9.50 8.14 7.69
CA VAL A 26 10.12 9.44 7.73
C VAL A 26 9.60 10.27 8.87
N LEU A 27 8.29 10.33 8.95
CA LEU A 27 7.61 11.14 9.97
C LEU A 27 7.97 10.67 11.38
N LEU A 28 8.51 9.45 11.50
CA LEU A 28 9.03 8.96 12.77
C LEU A 28 10.28 9.73 13.15
N LYS A 29 11.14 9.96 12.16
CA LYS A 29 12.37 10.70 12.36
C LYS A 29 12.11 12.20 12.32
N ARG A 30 11.22 12.63 11.44
CA ARG A 30 10.93 14.04 11.25
C ARG A 30 9.56 14.37 11.83
N MET A 1 -16.01 -10.52 9.95
CA MET A 1 -15.97 -10.69 8.48
C MET A 1 -14.58 -11.15 8.05
N ALA A 2 -14.52 -11.83 6.90
CA ALA A 2 -13.27 -12.30 6.35
C ALA A 2 -13.23 -12.03 4.85
N THR A 3 -13.89 -10.96 4.44
CA THR A 3 -14.00 -10.61 3.03
C THR A 3 -12.79 -9.78 2.60
N LYS A 4 -12.09 -10.26 1.59
CA LYS A 4 -10.89 -9.59 1.09
C LYS A 4 -11.25 -8.29 0.39
N HIS A 5 -10.88 -7.19 1.01
CA HIS A 5 -11.07 -5.88 0.44
C HIS A 5 -9.90 -5.54 -0.48
N GLY A 6 -10.19 -5.32 -1.75
CA GLY A 6 -9.16 -4.93 -2.68
C GLY A 6 -9.22 -5.73 -3.96
N LYS A 7 -9.45 -7.04 -3.84
CA LYS A 7 -9.49 -7.95 -4.96
C LYS A 7 -8.21 -7.89 -5.80
N ASN A 8 -8.23 -7.05 -6.81
CA ASN A 8 -7.05 -6.82 -7.64
C ASN A 8 -6.65 -5.34 -7.64
N SER A 9 -7.56 -4.47 -7.19
CA SER A 9 -7.33 -3.03 -7.21
C SER A 9 -6.38 -2.62 -6.09
N TRP A 10 -6.24 -3.49 -5.09
CA TRP A 10 -5.36 -3.20 -3.96
C TRP A 10 -3.94 -2.91 -4.44
N LYS A 11 -3.54 -3.53 -5.52
CA LYS A 11 -2.16 -3.41 -5.99
C LYS A 11 -1.79 -1.96 -6.21
N THR A 12 -2.74 -1.25 -6.74
CA THR A 12 -2.63 0.15 -7.02
C THR A 12 -2.64 0.96 -5.71
N LEU A 13 -3.33 0.42 -4.73
CA LEU A 13 -3.32 0.93 -3.36
C LEU A 13 -2.00 0.59 -2.70
N TYR A 14 -1.45 -0.52 -3.13
CA TYR A 14 -0.33 -1.16 -2.49
C TYR A 14 0.96 -0.45 -2.79
N LEU A 15 1.10 0.00 -4.01
CA LEU A 15 2.24 0.71 -4.43
C LEU A 15 2.21 2.12 -3.84
N LYS A 16 1.01 2.53 -3.47
CA LYS A 16 0.80 3.73 -2.69
C LYS A 16 1.19 3.43 -1.24
N ILE A 17 0.87 2.22 -0.80
CA ILE A 17 1.21 1.74 0.53
C ILE A 17 2.73 1.67 0.69
N SER A 18 3.41 1.21 -0.35
CA SER A 18 4.85 1.13 -0.34
C SER A 18 5.47 2.53 -0.38
N PHE A 19 4.67 3.49 -0.81
CA PHE A 19 5.14 4.85 -0.96
C PHE A 19 4.95 5.63 0.35
N LEU A 20 3.71 5.74 0.80
CA LEU A 20 3.42 6.50 2.00
C LEU A 20 3.89 5.75 3.24
N GLY A 21 3.99 4.44 3.15
CA GLY A 21 4.60 3.67 4.22
C GLY A 21 6.07 4.04 4.38
N CYS A 22 6.68 4.38 3.25
CA CYS A 22 8.07 4.81 3.22
C CYS A 22 8.17 6.29 3.62
N LYS A 23 7.03 6.99 3.60
CA LYS A 23 7.00 8.37 4.06
C LYS A 23 6.68 8.42 5.55
N VAL A 24 5.87 7.48 5.99
CA VAL A 24 5.54 7.36 7.40
C VAL A 24 6.55 6.43 8.09
N VAL A 25 7.64 6.18 7.41
CA VAL A 25 8.83 5.67 8.08
C VAL A 25 9.70 6.86 8.46
N VAL A 26 9.52 7.95 7.70
CA VAL A 26 10.33 9.15 7.83
C VAL A 26 9.93 9.94 9.04
N LEU A 27 8.64 10.16 9.17
CA LEU A 27 8.10 10.94 10.26
C LEU A 27 8.41 10.29 11.62
N LEU A 28 8.78 9.01 11.59
CA LEU A 28 9.27 8.32 12.77
C LEU A 28 10.69 8.75 13.08
N LYS A 29 11.50 8.85 12.04
CA LYS A 29 12.89 9.26 12.18
C LYS A 29 12.98 10.75 12.53
N ARG A 30 12.02 11.52 12.02
CA ARG A 30 11.94 12.95 12.24
C ARG A 30 13.12 13.69 11.62
N MET A 1 -5.48 -14.86 6.75
CA MET A 1 -6.61 -15.06 5.81
C MET A 1 -7.75 -14.11 6.13
N ALA A 2 -7.42 -12.89 6.54
CA ALA A 2 -8.45 -11.91 6.88
C ALA A 2 -8.71 -10.96 5.72
N THR A 3 -7.83 -11.04 4.73
CA THR A 3 -7.97 -10.24 3.52
C THR A 3 -8.26 -11.14 2.33
N LYS A 4 -9.05 -10.63 1.39
CA LYS A 4 -9.43 -11.41 0.22
C LYS A 4 -8.47 -11.15 -0.93
N HIS A 5 -7.91 -12.21 -1.48
CA HIS A 5 -6.98 -12.10 -2.61
C HIS A 5 -7.76 -12.13 -3.91
N GLY A 6 -9.08 -12.12 -3.81
CA GLY A 6 -9.93 -12.03 -4.98
C GLY A 6 -9.94 -10.61 -5.53
N LYS A 7 -9.66 -9.65 -4.65
CA LYS A 7 -9.58 -8.25 -5.04
C LYS A 7 -8.36 -8.04 -5.95
N ASN A 8 -8.46 -7.06 -6.83
CA ASN A 8 -7.38 -6.79 -7.77
C ASN A 8 -6.91 -5.34 -7.68
N SER A 9 -7.86 -4.42 -7.56
CA SER A 9 -7.56 -2.99 -7.63
C SER A 9 -6.79 -2.47 -6.43
N TRP A 10 -6.51 -3.33 -5.47
CA TRP A 10 -5.77 -2.92 -4.30
C TRP A 10 -4.29 -2.77 -4.62
N LYS A 11 -3.77 -3.54 -5.54
CA LYS A 11 -2.35 -3.48 -5.82
C LYS A 11 -1.94 -2.09 -6.28
N THR A 12 -2.86 -1.47 -6.98
CA THR A 12 -2.74 -0.08 -7.41
C THR A 12 -2.75 0.86 -6.20
N LEU A 13 -3.38 0.40 -5.13
CA LEU A 13 -3.39 1.09 -3.83
C LEU A 13 -2.15 0.71 -3.03
N TYR A 14 -1.66 -0.48 -3.31
CA TYR A 14 -0.70 -1.13 -2.47
C TYR A 14 0.70 -0.54 -2.64
N LEU A 15 1.06 -0.23 -3.86
CA LEU A 15 2.37 0.30 -4.12
C LEU A 15 2.37 1.77 -3.75
N LYS A 16 1.16 2.32 -3.63
CA LYS A 16 0.95 3.62 -3.04
C LYS A 16 1.14 3.49 -1.54
N ILE A 17 0.72 2.36 -1.01
CA ILE A 17 0.91 2.00 0.39
C ILE A 17 2.40 1.88 0.70
N SER A 18 3.15 1.36 -0.26
CA SER A 18 4.61 1.30 -0.16
C SER A 18 5.18 2.71 -0.09
N PHE A 19 4.62 3.59 -0.91
CA PHE A 19 5.10 4.95 -1.02
C PHE A 19 4.91 5.71 0.29
N LEU A 20 3.67 5.80 0.73
CA LEU A 20 3.37 6.50 1.97
C LEU A 20 3.94 5.74 3.17
N GLY A 21 4.10 4.44 3.02
CA GLY A 21 4.76 3.66 4.05
C GLY A 21 6.20 4.07 4.23
N CYS A 22 6.81 4.50 3.13
CA CYS A 22 8.17 5.01 3.14
C CYS A 22 8.19 6.43 3.71
N LYS A 23 7.08 7.13 3.63
CA LYS A 23 6.97 8.44 4.26
C LYS A 23 6.66 8.30 5.73
N VAL A 24 5.94 7.25 6.07
CA VAL A 24 5.65 6.95 7.46
C VAL A 24 6.82 6.15 8.08
N VAL A 25 7.94 6.16 7.38
CA VAL A 25 9.20 5.79 7.99
C VAL A 25 9.87 7.05 8.53
N VAL A 26 9.53 8.17 7.87
CA VAL A 26 10.15 9.45 8.13
C VAL A 26 9.62 10.08 9.39
N LEU A 27 8.31 10.11 9.49
CA LEU A 27 7.63 10.69 10.62
C LEU A 27 8.01 9.97 11.94
N LEU A 28 8.59 8.77 11.81
CA LEU A 28 9.13 8.04 12.95
C LEU A 28 10.43 8.69 13.41
N LYS A 29 11.26 9.05 12.44
CA LYS A 29 12.54 9.69 12.71
C LYS A 29 12.31 11.09 13.27
N ARG A 30 11.33 11.78 12.69
CA ARG A 30 10.99 13.13 13.10
C ARG A 30 9.49 13.27 13.26
N MET A 1 -6.93 -15.46 -2.46
CA MET A 1 -6.81 -16.84 -3.01
C MET A 1 -8.18 -17.42 -3.34
N ALA A 2 -9.20 -17.00 -2.61
CA ALA A 2 -10.55 -17.52 -2.82
C ALA A 2 -11.51 -16.39 -3.14
N THR A 3 -10.96 -15.26 -3.56
CA THR A 3 -11.76 -14.10 -3.89
C THR A 3 -12.30 -14.22 -5.32
N LYS A 4 -13.58 -13.96 -5.50
CA LYS A 4 -14.19 -13.98 -6.82
C LYS A 4 -13.81 -12.74 -7.61
N HIS A 5 -12.57 -12.69 -8.09
CA HIS A 5 -12.07 -11.57 -8.87
C HIS A 5 -12.15 -10.27 -8.06
N GLY A 6 -11.24 -10.11 -7.10
CA GLY A 6 -11.25 -8.93 -6.28
C GLY A 6 -9.93 -8.68 -5.59
N LYS A 7 -8.89 -9.41 -6.01
CA LYS A 7 -7.57 -9.25 -5.42
C LYS A 7 -6.54 -8.90 -6.49
N ASN A 8 -6.71 -7.74 -7.10
CA ASN A 8 -5.76 -7.29 -8.11
C ASN A 8 -5.51 -5.79 -7.98
N SER A 9 -6.59 -5.02 -7.93
CA SER A 9 -6.50 -3.56 -7.95
C SER A 9 -5.91 -3.01 -6.66
N TRP A 10 -5.79 -3.84 -5.64
CA TRP A 10 -5.16 -3.41 -4.40
C TRP A 10 -3.71 -3.02 -4.62
N LYS A 11 -3.05 -3.66 -5.55
CA LYS A 11 -1.63 -3.39 -5.75
C LYS A 11 -1.40 -1.93 -6.09
N THR A 12 -2.37 -1.38 -6.78
CA THR A 12 -2.42 0.03 -7.11
C THR A 12 -2.58 0.86 -5.82
N LEU A 13 -3.37 0.33 -4.90
CA LEU A 13 -3.51 0.89 -3.55
C LEU A 13 -2.23 0.67 -2.76
N TYR A 14 -1.61 -0.45 -3.04
CA TYR A 14 -0.55 -0.98 -2.22
C TYR A 14 0.74 -0.22 -2.40
N LEU A 15 1.05 0.16 -3.61
CA LEU A 15 2.28 0.86 -3.88
C LEU A 15 2.10 2.33 -3.52
N LYS A 16 0.84 2.68 -3.27
CA LYS A 16 0.50 3.93 -2.66
C LYS A 16 0.77 3.81 -1.16
N ILE A 17 0.45 2.64 -0.64
CA ILE A 17 0.71 2.29 0.75
C ILE A 17 2.21 2.27 1.02
N SER A 18 2.95 1.62 0.13
CA SER A 18 4.39 1.54 0.22
C SER A 18 4.99 2.94 0.14
N PHE A 19 4.38 3.77 -0.69
CA PHE A 19 4.85 5.11 -0.93
C PHE A 19 4.74 5.96 0.33
N LEU A 20 3.52 6.08 0.84
CA LEU A 20 3.27 6.88 2.02
C LEU A 20 3.94 6.26 3.23
N GLY A 21 3.96 4.94 3.26
CA GLY A 21 4.63 4.23 4.34
C GLY A 21 6.12 4.52 4.39
N CYS A 22 6.71 4.71 3.21
CA CYS A 22 8.12 5.05 3.11
C CYS A 22 8.37 6.48 3.60
N LYS A 23 7.34 7.31 3.57
CA LYS A 23 7.46 8.68 4.06
C LYS A 23 7.11 8.75 5.53
N VAL A 24 6.15 7.92 5.93
CA VAL A 24 5.75 7.85 7.32
C VAL A 24 6.59 6.80 8.06
N VAL A 25 7.66 6.38 7.42
CA VAL A 25 8.73 5.70 8.14
C VAL A 25 9.73 6.75 8.58
N VAL A 26 9.73 7.87 7.84
CA VAL A 26 10.68 8.94 8.00
C VAL A 26 10.33 9.79 9.20
N LEU A 27 9.09 10.22 9.25
CA LEU A 27 8.62 11.05 10.33
C LEU A 27 8.80 10.35 11.69
N LEU A 28 8.99 9.03 11.65
CA LEU A 28 9.28 8.25 12.84
C LEU A 28 10.77 8.33 13.20
N LYS A 29 11.63 7.80 12.33
CA LYS A 29 13.05 7.72 12.66
C LYS A 29 13.94 8.03 11.46
N ARG A 30 13.35 8.60 10.42
CA ARG A 30 14.05 8.92 9.18
C ARG A 30 14.75 7.69 8.61
N MET A 1 -5.14 -17.40 -14.62
CA MET A 1 -6.27 -17.31 -15.56
C MET A 1 -7.43 -16.57 -14.92
N ALA A 2 -8.53 -16.40 -15.65
CA ALA A 2 -9.71 -15.69 -15.16
C ALA A 2 -9.34 -14.29 -14.69
N THR A 3 -8.49 -13.62 -15.46
CA THR A 3 -8.01 -12.28 -15.14
C THR A 3 -7.31 -12.29 -13.77
N LYS A 4 -6.43 -13.27 -13.58
CA LYS A 4 -5.66 -13.43 -12.35
C LYS A 4 -6.58 -13.60 -11.14
N HIS A 5 -7.77 -14.18 -11.38
CA HIS A 5 -8.76 -14.46 -10.34
C HIS A 5 -9.40 -13.15 -9.83
N GLY A 6 -9.05 -12.04 -10.45
CA GLY A 6 -9.56 -10.76 -10.02
C GLY A 6 -8.84 -10.27 -8.78
N LYS A 7 -9.43 -9.33 -8.06
CA LYS A 7 -8.85 -8.80 -6.84
C LYS A 7 -7.43 -8.29 -7.12
N ASN A 8 -7.33 -7.34 -8.04
CA ASN A 8 -6.03 -6.80 -8.44
C ASN A 8 -5.96 -5.30 -8.19
N SER A 9 -7.09 -4.72 -7.78
CA SER A 9 -7.18 -3.27 -7.58
C SER A 9 -6.28 -2.81 -6.45
N TRP A 10 -6.09 -3.69 -5.47
CA TRP A 10 -5.32 -3.35 -4.29
C TRP A 10 -3.88 -3.00 -4.63
N LYS A 11 -3.30 -3.64 -5.62
CA LYS A 11 -1.87 -3.49 -5.87
C LYS A 11 -1.49 -2.02 -6.06
N THR A 12 -2.35 -1.34 -6.76
CA THR A 12 -2.21 0.06 -7.03
C THR A 12 -2.40 0.88 -5.74
N LEU A 13 -3.32 0.40 -4.92
CA LEU A 13 -3.52 0.90 -3.56
C LEU A 13 -2.28 0.62 -2.72
N TYR A 14 -1.69 -0.50 -3.02
CA TYR A 14 -0.66 -1.08 -2.20
C TYR A 14 0.66 -0.36 -2.34
N LEU A 15 1.04 -0.06 -3.56
CA LEU A 15 2.29 0.62 -3.80
C LEU A 15 2.16 2.07 -3.38
N LYS A 16 0.91 2.48 -3.18
CA LYS A 16 0.60 3.75 -2.58
C LYS A 16 0.79 3.61 -1.07
N ILE A 17 0.39 2.47 -0.54
CA ILE A 17 0.60 2.12 0.84
C ILE A 17 2.10 2.05 1.15
N SER A 18 2.84 1.42 0.26
CA SER A 18 4.29 1.31 0.37
C SER A 18 4.93 2.69 0.30
N PHE A 19 4.26 3.59 -0.41
CA PHE A 19 4.78 4.93 -0.64
C PHE A 19 4.67 5.78 0.63
N LEU A 20 3.44 5.96 1.11
CA LEU A 20 3.22 6.75 2.30
C LEU A 20 3.78 6.06 3.52
N GLY A 21 3.89 4.74 3.47
CA GLY A 21 4.54 4.00 4.53
C GLY A 21 6.03 4.28 4.55
N CYS A 22 6.56 4.69 3.40
CA CYS A 22 7.95 5.05 3.27
C CYS A 22 8.13 6.52 3.68
N LYS A 23 7.05 7.26 3.71
CA LYS A 23 7.10 8.64 4.16
C LYS A 23 6.88 8.68 5.67
N VAL A 24 5.97 7.87 6.14
CA VAL A 24 5.68 7.78 7.56
C VAL A 24 6.64 6.78 8.24
N VAL A 25 7.70 6.42 7.54
CA VAL A 25 8.82 5.76 8.17
C VAL A 25 9.84 6.84 8.58
N VAL A 26 9.79 7.93 7.83
CA VAL A 26 10.74 9.02 7.97
C VAL A 26 10.43 9.85 9.20
N LEU A 27 9.18 10.21 9.32
CA LEU A 27 8.72 11.07 10.39
C LEU A 27 8.90 10.41 11.78
N LEU A 28 9.09 9.08 11.80
CA LEU A 28 9.35 8.37 13.04
C LEU A 28 10.85 8.17 13.22
N LYS A 29 11.53 8.13 12.06
CA LYS A 29 12.97 7.88 12.01
C LYS A 29 13.28 6.46 12.46
N ARG A 30 12.27 5.59 12.36
CA ARG A 30 12.39 4.22 12.83
C ARG A 30 12.95 3.32 11.73
N MET A 1 -11.88 -18.63 -10.44
CA MET A 1 -11.12 -17.38 -10.24
C MET A 1 -11.07 -17.03 -8.76
N ALA A 2 -10.38 -15.95 -8.43
CA ALA A 2 -10.28 -15.50 -7.06
C ALA A 2 -10.27 -13.98 -7.01
N THR A 3 -11.28 -13.38 -7.63
CA THR A 3 -11.38 -11.93 -7.73
C THR A 3 -11.98 -11.35 -6.44
N LYS A 4 -11.27 -11.57 -5.35
CA LYS A 4 -11.68 -11.09 -4.04
C LYS A 4 -11.32 -9.62 -3.90
N HIS A 5 -12.30 -8.76 -4.16
CA HIS A 5 -12.09 -7.31 -4.20
C HIS A 5 -11.02 -6.98 -5.23
N GLY A 6 -11.22 -7.49 -6.44
CA GLY A 6 -10.26 -7.28 -7.50
C GLY A 6 -9.11 -8.27 -7.42
N LYS A 7 -8.51 -8.36 -6.23
CA LYS A 7 -7.36 -9.20 -5.96
C LYS A 7 -6.22 -8.97 -6.95
N ASN A 8 -6.22 -7.79 -7.55
CA ASN A 8 -5.17 -7.38 -8.47
C ASN A 8 -4.97 -5.88 -8.38
N SER A 9 -6.07 -5.15 -8.46
CA SER A 9 -6.05 -3.69 -8.43
C SER A 9 -5.57 -3.15 -7.09
N TRP A 10 -5.62 -3.97 -6.03
CA TRP A 10 -5.15 -3.52 -4.73
C TRP A 10 -3.68 -3.17 -4.78
N LYS A 11 -2.92 -3.88 -5.59
CA LYS A 11 -1.49 -3.66 -5.67
C LYS A 11 -1.19 -2.21 -6.01
N THR A 12 -2.02 -1.68 -6.87
CA THR A 12 -1.97 -0.29 -7.27
C THR A 12 -2.33 0.61 -6.09
N LEU A 13 -3.23 0.13 -5.24
CA LEU A 13 -3.57 0.77 -3.97
C LEU A 13 -2.43 0.59 -2.97
N TYR A 14 -1.77 -0.53 -3.11
CA TYR A 14 -0.87 -1.04 -2.11
C TYR A 14 0.47 -0.36 -2.17
N LEU A 15 0.95 -0.07 -3.36
CA LEU A 15 2.24 0.57 -3.49
C LEU A 15 2.08 2.05 -3.24
N LYS A 16 0.83 2.49 -3.24
CA LYS A 16 0.47 3.80 -2.75
C LYS A 16 0.61 3.77 -1.22
N ILE A 17 0.21 2.64 -0.65
CA ILE A 17 0.38 2.37 0.76
C ILE A 17 1.87 2.33 1.10
N SER A 18 2.64 1.68 0.24
CA SER A 18 4.10 1.63 0.37
C SER A 18 4.66 3.03 0.33
N PHE A 19 4.15 3.81 -0.61
CA PHE A 19 4.63 5.17 -0.86
C PHE A 19 4.54 6.02 0.39
N LEU A 20 3.35 6.12 0.95
CA LEU A 20 3.14 6.90 2.15
C LEU A 20 3.92 6.31 3.31
N GLY A 21 4.02 4.99 3.32
CA GLY A 21 4.78 4.30 4.35
C GLY A 21 6.26 4.62 4.30
N CYS A 22 6.78 4.84 3.10
CA CYS A 22 8.18 5.21 2.89
C CYS A 22 8.45 6.60 3.45
N LYS A 23 7.42 7.43 3.53
CA LYS A 23 7.54 8.76 4.10
C LYS A 23 7.27 8.73 5.60
N VAL A 24 6.25 7.98 5.97
CA VAL A 24 5.86 7.90 7.36
C VAL A 24 6.70 6.83 8.08
N VAL A 25 7.75 6.39 7.44
CA VAL A 25 8.80 5.64 8.11
C VAL A 25 9.86 6.62 8.58
N VAL A 26 9.95 7.73 7.86
CA VAL A 26 10.95 8.75 8.08
C VAL A 26 10.64 9.56 9.31
N LEU A 27 9.41 10.03 9.36
CA LEU A 27 8.95 10.90 10.42
C LEU A 27 8.98 10.22 11.79
N LEU A 28 9.06 8.88 11.82
CA LEU A 28 9.19 8.13 13.07
C LEU A 28 10.63 7.71 13.30
N LYS A 29 11.33 7.57 12.18
CA LYS A 29 12.73 7.09 12.17
C LYS A 29 12.79 5.63 12.61
N ARG A 30 11.68 4.93 12.41
CA ARG A 30 11.56 3.54 12.82
C ARG A 30 12.01 2.63 11.68
N MET A 1 -19.47 -18.05 -0.31
CA MET A 1 -19.68 -16.67 -0.83
C MET A 1 -19.12 -16.56 -2.25
N ALA A 2 -19.61 -15.60 -3.01
CA ALA A 2 -19.14 -15.38 -4.37
C ALA A 2 -18.76 -13.92 -4.56
N THR A 3 -18.12 -13.36 -3.54
CA THR A 3 -17.75 -11.96 -3.54
C THR A 3 -16.46 -11.75 -4.33
N LYS A 4 -16.47 -10.78 -5.23
CA LYS A 4 -15.31 -10.43 -6.01
C LYS A 4 -14.64 -9.20 -5.41
N HIS A 5 -13.54 -9.42 -4.70
CA HIS A 5 -12.84 -8.34 -4.03
C HIS A 5 -11.73 -7.77 -4.93
N GLY A 6 -11.72 -8.22 -6.18
CA GLY A 6 -10.78 -7.69 -7.15
C GLY A 6 -9.49 -8.47 -7.22
N LYS A 7 -8.81 -8.56 -6.08
CA LYS A 7 -7.52 -9.22 -5.98
C LYS A 7 -6.53 -8.70 -7.02
N ASN A 8 -6.60 -7.40 -7.30
CA ASN A 8 -5.69 -6.77 -8.25
C ASN A 8 -5.57 -5.26 -8.00
N SER A 9 -6.70 -4.62 -7.77
CA SER A 9 -6.74 -3.16 -7.59
C SER A 9 -6.00 -2.74 -6.33
N TRP A 10 -5.86 -3.68 -5.39
CA TRP A 10 -5.12 -3.40 -4.17
C TRP A 10 -3.69 -2.99 -4.48
N LYS A 11 -3.12 -3.54 -5.53
CA LYS A 11 -1.74 -3.24 -5.88
C LYS A 11 -1.54 -1.75 -6.06
N THR A 12 -2.53 -1.14 -6.67
CA THR A 12 -2.58 0.29 -6.89
C THR A 12 -2.76 1.03 -5.55
N LEU A 13 -3.43 0.36 -4.63
CA LEU A 13 -3.58 0.83 -3.25
C LEU A 13 -2.29 0.60 -2.48
N TYR A 14 -1.59 -0.44 -2.88
CA TYR A 14 -0.54 -1.03 -2.11
C TYR A 14 0.78 -0.33 -2.31
N LEU A 15 1.07 0.03 -3.54
CA LEU A 15 2.31 0.72 -3.83
C LEU A 15 2.15 2.18 -3.43
N LYS A 16 0.89 2.54 -3.19
CA LYS A 16 0.55 3.78 -2.55
C LYS A 16 0.88 3.64 -1.07
N ILE A 17 0.51 2.48 -0.53
CA ILE A 17 0.81 2.12 0.84
C ILE A 17 2.31 2.07 1.08
N SER A 18 3.02 1.44 0.15
CA SER A 18 4.47 1.35 0.21
C SER A 18 5.08 2.74 0.16
N PHE A 19 4.54 3.58 -0.71
CA PHE A 19 5.05 4.93 -0.90
C PHE A 19 4.89 5.76 0.36
N LEU A 20 3.66 5.91 0.82
CA LEU A 20 3.37 6.69 2.01
C LEU A 20 4.03 6.08 3.23
N GLY A 21 4.12 4.75 3.26
CA GLY A 21 4.82 4.08 4.33
C GLY A 21 6.30 4.43 4.34
N CYS A 22 6.84 4.70 3.16
CA CYS A 22 8.24 5.09 3.03
C CYS A 22 8.43 6.54 3.45
N LYS A 23 7.37 7.33 3.43
CA LYS A 23 7.44 8.69 3.94
C LYS A 23 7.12 8.72 5.43
N VAL A 24 6.16 7.91 5.82
CA VAL A 24 5.75 7.82 7.20
C VAL A 24 6.63 6.78 7.94
N VAL A 25 7.74 6.42 7.33
CA VAL A 25 8.80 5.73 8.05
C VAL A 25 9.78 6.78 8.56
N VAL A 26 9.81 7.91 7.87
CA VAL A 26 10.74 8.99 8.13
C VAL A 26 10.34 9.75 9.37
N LEU A 27 9.07 10.11 9.40
CA LEU A 27 8.52 10.92 10.47
C LEU A 27 8.54 10.19 11.83
N LEU A 28 8.71 8.86 11.78
CA LEU A 28 8.90 8.08 13.02
C LEU A 28 10.37 7.79 13.21
N LYS A 29 11.07 7.80 12.08
CA LYS A 29 12.51 7.52 12.01
C LYS A 29 12.77 6.07 12.39
N ARG A 30 11.78 5.22 12.11
CA ARG A 30 11.82 3.83 12.52
C ARG A 30 11.45 2.91 11.36
N MET A 1 -9.75 -20.31 -1.56
CA MET A 1 -10.50 -19.33 -2.39
C MET A 1 -11.83 -18.99 -1.72
N ALA A 2 -12.02 -17.72 -1.43
CA ALA A 2 -13.26 -17.25 -0.82
C ALA A 2 -13.88 -16.15 -1.67
N THR A 3 -14.02 -16.43 -2.96
CA THR A 3 -14.56 -15.49 -3.93
C THR A 3 -13.60 -14.31 -4.14
N LYS A 4 -13.05 -14.24 -5.34
CA LYS A 4 -12.11 -13.19 -5.67
C LYS A 4 -12.82 -12.09 -6.44
N HIS A 5 -13.35 -11.14 -5.69
CA HIS A 5 -14.17 -10.08 -6.26
C HIS A 5 -13.76 -8.73 -5.67
N GLY A 6 -12.89 -8.03 -6.38
CA GLY A 6 -12.38 -6.78 -5.89
C GLY A 6 -11.00 -6.94 -5.27
N LYS A 7 -10.32 -8.01 -5.67
CA LYS A 7 -8.99 -8.28 -5.19
C LYS A 7 -8.00 -8.25 -6.36
N ASN A 8 -7.74 -7.06 -6.86
CA ASN A 8 -6.85 -6.87 -8.01
C ASN A 8 -6.32 -5.45 -8.09
N SER A 9 -7.18 -4.48 -7.82
CA SER A 9 -6.81 -3.07 -7.88
C SER A 9 -6.01 -2.65 -6.66
N TRP A 10 -5.86 -3.57 -5.71
CA TRP A 10 -5.11 -3.26 -4.51
C TRP A 10 -3.66 -2.98 -4.81
N LYS A 11 -3.10 -3.60 -5.82
CA LYS A 11 -1.69 -3.43 -6.13
C LYS A 11 -1.39 -1.96 -6.40
N THR A 12 -2.36 -1.32 -7.01
CA THR A 12 -2.32 0.10 -7.27
C THR A 12 -2.44 0.89 -5.96
N LEU A 13 -3.19 0.33 -5.02
CA LEU A 13 -3.27 0.85 -3.65
C LEU A 13 -1.98 0.54 -2.90
N TYR A 14 -1.36 -0.55 -3.31
CA TYR A 14 -0.30 -1.16 -2.56
C TYR A 14 0.98 -0.36 -2.64
N LEU A 15 1.25 0.21 -3.79
CA LEU A 15 2.46 0.97 -3.96
C LEU A 15 2.26 2.35 -3.35
N LYS A 16 0.99 2.70 -3.16
CA LYS A 16 0.63 3.86 -2.39
C LYS A 16 0.93 3.53 -0.93
N ILE A 17 0.64 2.29 -0.56
CA ILE A 17 0.98 1.76 0.74
C ILE A 17 2.48 1.81 0.96
N SER A 18 3.23 1.40 -0.07
CA SER A 18 4.69 1.45 -0.02
C SER A 18 5.17 2.89 0.11
N PHE A 19 4.50 3.78 -0.63
CA PHE A 19 4.89 5.17 -0.68
C PHE A 19 4.78 5.82 0.69
N LEU A 20 3.57 5.83 1.23
CA LEU A 20 3.32 6.41 2.54
C LEU A 20 4.13 5.69 3.60
N GLY A 21 4.21 4.38 3.49
CA GLY A 21 4.99 3.59 4.44
C GLY A 21 6.45 3.96 4.40
N CYS A 22 6.91 4.44 3.25
CA CYS A 22 8.30 4.85 3.08
C CYS A 22 8.49 6.32 3.46
N LYS A 23 7.41 7.10 3.42
CA LYS A 23 7.51 8.52 3.74
C LYS A 23 7.25 8.75 5.23
N VAL A 24 6.23 8.10 5.76
CA VAL A 24 5.85 8.25 7.16
C VAL A 24 6.71 7.33 8.05
N VAL A 25 7.69 6.68 7.44
CA VAL A 25 8.68 5.95 8.20
C VAL A 25 9.84 6.88 8.52
N VAL A 26 10.00 7.87 7.65
CA VAL A 26 11.06 8.84 7.77
C VAL A 26 10.84 9.75 8.96
N LEU A 27 9.64 10.27 9.00
CA LEU A 27 9.29 11.31 9.92
C LEU A 27 9.14 10.79 11.37
N LEU A 28 8.99 9.47 11.52
CA LEU A 28 8.96 8.84 12.84
C LEU A 28 10.31 8.18 13.13
N LYS A 29 10.96 7.78 12.04
CA LYS A 29 12.17 6.96 12.08
C LYS A 29 11.79 5.55 12.53
N ARG A 30 10.56 5.17 12.17
CA ARG A 30 9.97 3.89 12.53
C ARG A 30 9.87 3.72 14.04
N MET A 1 -15.64 -9.65 -21.43
CA MET A 1 -15.27 -11.04 -21.06
C MET A 1 -13.89 -11.08 -20.42
N ALA A 2 -12.96 -10.33 -20.96
CA ALA A 2 -11.61 -10.29 -20.43
C ALA A 2 -11.49 -9.25 -19.33
N THR A 3 -12.33 -9.40 -18.32
CA THR A 3 -12.39 -8.45 -17.22
C THR A 3 -11.23 -8.69 -16.25
N LYS A 4 -10.64 -7.62 -15.77
CA LYS A 4 -9.55 -7.71 -14.81
C LYS A 4 -10.09 -8.10 -13.45
N HIS A 5 -10.00 -9.38 -13.14
CA HIS A 5 -10.53 -9.93 -11.91
C HIS A 5 -9.57 -10.97 -11.35
N GLY A 6 -8.66 -10.51 -10.51
CA GLY A 6 -7.68 -11.39 -9.93
C GLY A 6 -7.27 -10.90 -8.56
N LYS A 7 -8.17 -10.13 -7.95
CA LYS A 7 -7.93 -9.49 -6.68
C LYS A 7 -6.61 -8.73 -6.70
N ASN A 8 -6.48 -7.82 -7.65
CA ASN A 8 -5.26 -7.02 -7.79
C ASN A 8 -5.54 -5.56 -7.53
N SER A 9 -6.76 -5.27 -7.08
CA SER A 9 -7.19 -3.90 -6.86
C SER A 9 -6.42 -3.24 -5.72
N TRP A 10 -6.00 -4.05 -4.76
CA TRP A 10 -5.26 -3.55 -3.63
C TRP A 10 -3.88 -3.04 -4.04
N LYS A 11 -3.30 -3.64 -5.05
CA LYS A 11 -1.91 -3.33 -5.40
C LYS A 11 -1.71 -1.85 -5.63
N THR A 12 -2.69 -1.30 -6.31
CA THR A 12 -2.76 0.12 -6.63
C THR A 12 -2.95 0.95 -5.35
N LEU A 13 -3.51 0.30 -4.35
CA LEU A 13 -3.69 0.88 -3.02
C LEU A 13 -2.42 0.73 -2.21
N TYR A 14 -1.79 -0.40 -2.41
CA TYR A 14 -0.75 -0.88 -1.55
C TYR A 14 0.60 -0.30 -1.91
N LEU A 15 0.85 -0.14 -3.21
CA LEU A 15 2.10 0.46 -3.64
C LEU A 15 2.02 1.96 -3.42
N LYS A 16 0.80 2.40 -3.17
CA LYS A 16 0.52 3.73 -2.69
C LYS A 16 0.84 3.77 -1.20
N ILE A 17 0.47 2.69 -0.53
CA ILE A 17 0.77 2.50 0.88
C ILE A 17 2.27 2.43 1.11
N SER A 18 2.96 1.68 0.26
CA SER A 18 4.41 1.57 0.32
C SER A 18 5.06 2.94 0.20
N PHE A 19 4.50 3.74 -0.70
CA PHE A 19 5.02 5.05 -1.02
C PHE A 19 4.90 6.00 0.17
N LEU A 20 3.70 6.11 0.71
CA LEU A 20 3.46 6.99 1.83
C LEU A 20 4.06 6.40 3.10
N GLY A 21 4.19 5.09 3.11
CA GLY A 21 4.86 4.40 4.20
C GLY A 21 6.34 4.71 4.23
N CYS A 22 6.88 5.13 3.09
CA CYS A 22 8.26 5.58 2.99
C CYS A 22 8.42 6.98 3.58
N LYS A 23 7.32 7.72 3.67
CA LYS A 23 7.34 9.02 4.31
C LYS A 23 7.02 8.89 5.79
N VAL A 24 6.07 8.04 6.09
CA VAL A 24 5.64 7.82 7.45
C VAL A 24 6.47 6.70 8.11
N VAL A 25 7.58 6.37 7.47
CA VAL A 25 8.64 5.61 8.13
C VAL A 25 9.63 6.59 8.75
N VAL A 26 9.73 7.76 8.11
CA VAL A 26 10.67 8.79 8.48
C VAL A 26 10.29 9.44 9.79
N LEU A 27 9.06 9.87 9.85
CA LEU A 27 8.53 10.60 10.99
C LEU A 27 8.54 9.75 12.26
N LEU A 28 8.62 8.44 12.07
CA LEU A 28 8.63 7.47 13.15
C LEU A 28 10.05 6.98 13.40
N LYS A 29 10.86 7.02 12.34
CA LYS A 29 12.26 6.63 12.38
C LYS A 29 12.39 5.14 12.68
N ARG A 30 11.44 4.37 12.18
CA ARG A 30 11.44 2.93 12.39
C ARG A 30 11.02 2.21 11.12
N MET A 1 -12.24 -21.81 -11.55
CA MET A 1 -11.90 -21.22 -10.23
C MET A 1 -11.47 -19.76 -10.42
N ALA A 2 -12.40 -18.84 -10.21
CA ALA A 2 -12.13 -17.43 -10.44
C ALA A 2 -11.39 -16.81 -9.26
N THR A 3 -10.09 -16.65 -9.43
CA THR A 3 -9.25 -16.01 -8.41
C THR A 3 -9.32 -14.50 -8.56
N LYS A 4 -9.94 -14.08 -9.63
CA LYS A 4 -10.15 -12.66 -9.89
C LYS A 4 -11.58 -12.27 -9.51
N HIS A 5 -11.75 -11.90 -8.27
CA HIS A 5 -13.06 -11.58 -7.73
C HIS A 5 -13.04 -10.18 -7.13
N GLY A 6 -12.11 -9.96 -6.21
CA GLY A 6 -11.99 -8.66 -5.58
C GLY A 6 -10.54 -8.27 -5.35
N LYS A 7 -9.69 -9.26 -5.13
CA LYS A 7 -8.27 -9.02 -4.86
C LYS A 7 -7.52 -8.69 -6.15
N ASN A 8 -7.55 -7.43 -6.52
CA ASN A 8 -6.84 -6.96 -7.70
C ASN A 8 -6.53 -5.47 -7.59
N SER A 9 -7.53 -4.70 -7.21
CA SER A 9 -7.42 -3.24 -7.14
C SER A 9 -6.55 -2.79 -5.97
N TRP A 10 -6.13 -3.74 -5.14
CA TRP A 10 -5.28 -3.42 -4.01
C TRP A 10 -3.92 -2.95 -4.46
N LYS A 11 -3.43 -3.44 -5.57
CA LYS A 11 -2.09 -3.07 -6.03
C LYS A 11 -2.00 -1.56 -6.20
N THR A 12 -3.09 -0.99 -6.63
CA THR A 12 -3.27 0.44 -6.76
C THR A 12 -3.22 1.12 -5.38
N LEU A 13 -3.63 0.37 -4.37
CA LEU A 13 -3.54 0.80 -2.97
C LEU A 13 -2.15 0.52 -2.44
N TYR A 14 -1.54 -0.49 -3.00
CA TYR A 14 -0.37 -1.10 -2.43
C TYR A 14 0.89 -0.30 -2.69
N LEU A 15 1.05 0.16 -3.91
CA LEU A 15 2.25 0.91 -4.26
C LEU A 15 2.13 2.31 -3.69
N LYS A 16 0.92 2.61 -3.24
CA LYS A 16 0.64 3.79 -2.47
C LYS A 16 1.09 3.52 -1.04
N ILE A 17 0.80 2.30 -0.57
CA ILE A 17 1.22 1.83 0.73
C ILE A 17 2.74 1.80 0.82
N SER A 18 3.38 1.29 -0.22
CA SER A 18 4.83 1.22 -0.30
C SER A 18 5.42 2.64 -0.33
N PHE A 19 4.62 3.59 -0.77
CA PHE A 19 5.07 4.96 -0.93
C PHE A 19 4.95 5.74 0.37
N LEU A 20 3.74 5.86 0.89
CA LEU A 20 3.49 6.63 2.10
C LEU A 20 4.08 5.94 3.32
N GLY A 21 4.08 4.62 3.32
CA GLY A 21 4.72 3.89 4.40
C GLY A 21 6.22 4.09 4.41
N CYS A 22 6.74 4.61 3.30
CA CYS A 22 8.14 4.93 3.18
C CYS A 22 8.40 6.36 3.65
N LYS A 23 7.37 7.21 3.56
CA LYS A 23 7.50 8.58 4.05
C LYS A 23 7.11 8.68 5.50
N VAL A 24 6.14 7.88 5.89
CA VAL A 24 5.69 7.84 7.27
C VAL A 24 6.56 6.85 8.08
N VAL A 25 7.67 6.47 7.50
CA VAL A 25 8.73 5.82 8.26
C VAL A 25 9.69 6.90 8.75
N VAL A 26 9.75 7.97 7.96
CA VAL A 26 10.67 9.07 8.17
C VAL A 26 10.24 9.90 9.36
N LEU A 27 8.98 10.26 9.34
CA LEU A 27 8.43 11.16 10.35
C LEU A 27 8.47 10.53 11.76
N LEU A 28 8.63 9.20 11.83
CA LEU A 28 8.77 8.52 13.11
C LEU A 28 10.24 8.33 13.45
N LYS A 29 11.04 8.32 12.39
CA LYS A 29 12.47 8.06 12.47
C LYS A 29 12.70 6.61 12.87
N ARG A 30 11.82 5.74 12.39
CA ARG A 30 11.83 4.31 12.71
C ARG A 30 11.65 4.07 14.21
#